data_5XKQ
#
_entry.id   5XKQ
#
_cell.length_a   52.679
_cell.length_b   61.392
_cell.length_c   109.406
_cell.angle_alpha   90.00
_cell.angle_beta   89.95
_cell.angle_gamma   90.00
#
_symmetry.space_group_name_H-M   'P 1 21 1'
#
loop_
_entity.id
_entity.type
_entity.pdbx_description
1 polymer 'CMP/dCMP deaminase, zinc-binding protein'
2 non-polymer 'ZINC ION'
3 non-polymer 4,6-diamino-1,3,5-triazin-2-ol
4 non-polymer GLYCEROL
5 non-polymer 'ACETATE ION'
6 water water
#
_entity_poly.entity_id   1
_entity_poly.type   'polypeptide(L)'
_entity_poly.pdbx_seq_one_letter_code
;MAISDADLKYLRRCVDLAREALDDGDEPFGSVLVDHTGTTLFEDRNRVKDGDATAHPEFAIARWAARHLTPDRRARATVY
TSGEHCPMCAAAHAWVGLGRIVYATSSAQLGGWLTEWGAQAPPVATLPINTVAPGVVVDGPAEELAETMHNLYRAKFGR
;
_entity_poly.pdbx_strand_id   A,B,C,D
#
# COMPACT_ATOMS: atom_id res chain seq x y z
N ALA A 2 -17.25 39.57 -4.56
CA ALA A 2 -17.24 39.13 -6.00
C ALA A 2 -17.35 37.61 -6.24
N ILE A 3 -18.59 37.19 -6.41
CA ILE A 3 -18.91 36.07 -7.30
C ILE A 3 -19.00 36.70 -8.67
N SER A 4 -18.02 36.41 -9.53
CA SER A 4 -18.00 36.97 -10.88
C SER A 4 -19.03 36.28 -11.78
N ASP A 5 -19.31 36.91 -12.92
CA ASP A 5 -20.13 36.30 -13.96
C ASP A 5 -19.57 34.99 -14.46
N ALA A 6 -18.26 34.92 -14.59
CA ALA A 6 -17.59 33.67 -15.02
C ALA A 6 -17.79 32.54 -14.01
N ASP A 7 -17.74 32.88 -12.71
CA ASP A 7 -18.00 31.96 -11.61
C ASP A 7 -19.39 31.37 -11.68
N LEU A 8 -20.38 32.23 -11.90
CA LEU A 8 -21.78 31.84 -12.06
C LEU A 8 -21.99 30.81 -13.17
N LYS A 9 -21.27 31.00 -14.28
CA LYS A 9 -21.31 30.04 -15.40
C LYS A 9 -20.91 28.65 -14.92
N TYR A 10 -19.85 28.57 -14.11
CA TYR A 10 -19.38 27.29 -13.57
C TYR A 10 -20.30 26.75 -12.44
N LEU A 11 -20.93 27.64 -11.70
CA LEU A 11 -21.88 27.20 -10.70
C LEU A 11 -23.12 26.62 -11.34
N ARG A 12 -23.68 27.31 -12.35
CA ARG A 12 -24.80 26.75 -13.17
C ARG A 12 -24.50 25.35 -13.71
N ARG A 13 -23.26 25.13 -14.09
CA ARG A 13 -22.81 23.83 -14.54
C ARG A 13 -22.79 22.80 -13.39
N CYS A 14 -22.34 23.23 -12.19
CA CYS A 14 -22.42 22.39 -10.99
C CYS A 14 -23.85 22.02 -10.69
N VAL A 15 -24.76 22.98 -10.83
CA VAL A 15 -26.19 22.75 -10.66
C VAL A 15 -26.76 21.70 -11.64
N ASP A 16 -26.33 21.74 -12.90
CA ASP A 16 -26.77 20.75 -13.88
C ASP A 16 -26.24 19.35 -13.53
N LEU A 17 -25.04 19.28 -12.95
CA LEU A 17 -24.50 17.99 -12.49
C LEU A 17 -25.27 17.45 -11.28
N ALA A 18 -25.74 18.35 -10.42
CA ALA A 18 -26.62 17.96 -9.30
C ALA A 18 -27.94 17.42 -9.83
N ARG A 19 -28.51 18.11 -10.82
CA ARG A 19 -29.68 17.56 -11.51
C ARG A 19 -29.42 16.19 -12.14
N GLU A 20 -28.34 16.05 -12.91
CA GLU A 20 -27.98 14.76 -13.49
C GLU A 20 -27.89 13.64 -12.46
N ALA A 21 -27.36 13.95 -11.28
CA ALA A 21 -27.27 12.95 -10.22
C ALA A 21 -28.64 12.58 -9.64
N LEU A 22 -29.49 13.59 -9.44
CA LEU A 22 -30.87 13.40 -8.99
C LEU A 22 -31.61 12.45 -9.95
N ASP A 23 -31.50 12.71 -11.26
CA ASP A 23 -32.18 11.91 -12.31
C ASP A 23 -31.70 10.45 -12.37
N ASP A 24 -30.41 10.20 -12.17
CA ASP A 24 -29.90 8.82 -12.07
C ASP A 24 -29.99 8.24 -10.66
N GLY A 25 -30.81 8.82 -9.79
CA GLY A 25 -31.13 8.23 -8.49
C GLY A 25 -30.21 8.57 -7.35
N ASP A 26 -29.29 9.52 -7.55
CA ASP A 26 -28.34 9.94 -6.52
C ASP A 26 -28.77 11.26 -5.85
N GLU A 27 -28.00 11.68 -4.83
CA GLU A 27 -28.20 12.94 -4.13
C GLU A 27 -27.78 14.13 -5.03
N PRO A 28 -28.53 15.25 -4.98
CA PRO A 28 -28.22 16.36 -5.89
C PRO A 28 -27.01 17.25 -5.44
N PHE A 29 -25.82 16.78 -5.79
CA PHE A 29 -24.57 17.49 -5.55
C PHE A 29 -23.66 17.33 -6.75
N GLY A 30 -23.08 18.44 -7.20
CA GLY A 30 -22.10 18.41 -8.29
C GLY A 30 -21.02 19.45 -8.10
N SER A 31 -19.83 19.14 -8.60
CA SER A 31 -18.67 20.02 -8.52
C SER A 31 -17.81 19.96 -9.76
N VAL A 32 -17.00 20.99 -9.91
CA VAL A 32 -16.23 21.22 -11.12
C VAL A 32 -14.86 21.81 -10.77
N LEU A 33 -13.80 21.09 -11.14
CA LEU A 33 -12.42 21.53 -10.96
C LEU A 33 -11.93 22.30 -12.16
N VAL A 34 -11.58 23.57 -11.97
CA VAL A 34 -11.13 24.44 -13.05
C VAL A 34 -9.67 24.84 -12.81
N ASP A 35 -8.82 24.74 -13.84
CA ASP A 35 -7.42 25.18 -13.74
C ASP A 35 -7.31 26.71 -13.88
N HIS A 36 -6.17 27.25 -13.45
CA HIS A 36 -5.92 28.70 -13.49
C HIS A 36 -6.26 29.35 -14.83
N THR A 37 -6.01 28.61 -15.91
CA THR A 37 -6.33 29.02 -17.30
C THR A 37 -7.82 29.28 -17.58
N GLY A 38 -8.71 28.55 -16.88
CA GLY A 38 -10.14 28.51 -17.19
C GLY A 38 -10.59 27.18 -17.83
N THR A 39 -9.67 26.23 -17.99
CA THR A 39 -9.96 24.91 -18.54
C THR A 39 -10.56 24.02 -17.46
N THR A 40 -11.68 23.37 -17.78
CA THR A 40 -12.25 22.42 -16.88
C THR A 40 -11.41 21.14 -16.92
N LEU A 41 -10.83 20.78 -15.79
CA LEU A 41 -10.01 19.57 -15.74
C LEU A 41 -10.81 18.33 -15.40
N PHE A 42 -11.84 18.48 -14.57
CA PHE A 42 -12.57 17.34 -14.07
C PHE A 42 -13.91 17.82 -13.56
N GLU A 43 -14.89 16.92 -13.62
CA GLU A 43 -16.28 17.17 -13.24
C GLU A 43 -16.78 15.93 -12.60
N ASP A 44 -17.64 16.09 -11.61
CA ASP A 44 -18.20 14.94 -10.96
C ASP A 44 -19.46 15.32 -10.24
N ARG A 45 -20.12 14.29 -9.73
CA ARG A 45 -21.37 14.41 -8.99
C ARG A 45 -21.49 13.21 -8.06
N ASN A 46 -22.51 13.23 -7.22
CA ASN A 46 -22.71 12.23 -6.17
C ASN A 46 -22.93 10.81 -6.73
N ARG A 47 -22.47 9.81 -5.97
CA ARG A 47 -22.60 8.39 -6.31
C ARG A 47 -22.77 7.54 -5.04
N ASP A 52 -20.75 3.60 -1.83
CA ASP A 52 -20.42 3.98 -0.45
C ASP A 52 -20.73 5.48 -0.13
N ALA A 53 -20.90 5.77 1.17
CA ALA A 53 -21.36 7.11 1.65
C ALA A 53 -20.34 8.30 1.58
N THR A 54 -19.06 8.00 1.34
CA THR A 54 -18.02 9.03 1.11
C THR A 54 -17.84 9.47 -0.37
N ALA A 55 -18.71 8.99 -1.29
CA ALA A 55 -18.58 9.25 -2.74
C ALA A 55 -19.11 10.66 -3.12
N HIS A 56 -18.42 11.68 -2.59
CA HIS A 56 -18.80 13.07 -2.72
C HIS A 56 -17.96 13.63 -3.84
N PRO A 57 -18.54 14.42 -4.75
CA PRO A 57 -17.78 14.88 -5.90
C PRO A 57 -16.60 15.77 -5.54
N GLU A 58 -16.70 16.49 -4.42
CA GLU A 58 -15.62 17.36 -3.97
C GLU A 58 -14.43 16.51 -3.52
N PHE A 59 -14.71 15.36 -2.90
CA PHE A 59 -13.65 14.47 -2.45
C PHE A 59 -13.01 13.83 -3.68
N ALA A 60 -13.84 13.32 -4.59
CA ALA A 60 -13.34 12.78 -5.86
C ALA A 60 -12.36 13.76 -6.53
N ILE A 61 -12.74 15.02 -6.61
CA ILE A 61 -11.86 16.08 -7.11
C ILE A 61 -10.52 16.19 -6.33
N ALA A 62 -10.57 16.05 -5.01
CA ALA A 62 -9.36 16.10 -4.16
C ALA A 62 -8.39 14.96 -4.49
N ARG A 63 -8.90 13.74 -4.55
CA ARG A 63 -8.12 12.55 -4.94
C ARG A 63 -7.60 12.65 -6.36
N TRP A 64 -8.43 13.15 -7.27
CA TRP A 64 -8.04 13.37 -8.65
C TRP A 64 -6.92 14.41 -8.77
N ALA A 65 -7.10 15.55 -8.10
CA ALA A 65 -6.10 16.61 -8.16
C ALA A 65 -4.75 16.11 -7.62
N ALA A 66 -4.79 15.31 -6.56
CA ALA A 66 -3.59 14.72 -6.00
C ALA A 66 -2.93 13.73 -6.98
N ARG A 67 -3.74 12.91 -7.66
CA ARG A 67 -3.23 11.89 -8.62
C ARG A 67 -2.66 12.50 -9.91
N HIS A 68 -3.31 13.55 -10.44
CA HIS A 68 -3.01 14.05 -11.79
C HIS A 68 -2.42 15.45 -11.89
N LEU A 69 -2.21 16.15 -10.78
CA LEU A 69 -1.68 17.54 -10.84
C LEU A 69 -0.47 17.72 -9.95
N THR A 70 0.30 18.76 -10.22
CA THR A 70 1.46 19.08 -9.41
C THR A 70 0.99 19.98 -8.28
N PRO A 71 1.58 19.84 -7.07
CA PRO A 71 1.31 20.76 -5.95
C PRO A 71 1.08 22.20 -6.38
N ASP A 72 1.88 22.65 -7.34
CA ASP A 72 1.79 23.99 -7.88
C ASP A 72 0.50 24.26 -8.67
N ARG A 73 0.15 23.31 -9.53
CA ARG A 73 -1.06 23.45 -10.34
C ARG A 73 -2.35 23.41 -9.46
N ARG A 74 -2.36 22.46 -8.52
CA ARG A 74 -3.42 22.35 -7.50
C ARG A 74 -3.71 23.66 -6.79
N ALA A 75 -2.64 24.29 -6.31
CA ALA A 75 -2.77 25.53 -5.55
C ALA A 75 -3.45 26.66 -6.34
N ARG A 76 -3.24 26.68 -7.67
CA ARG A 76 -3.82 27.69 -8.57
C ARG A 76 -5.19 27.31 -9.16
N ALA A 77 -5.67 26.11 -8.84
CA ALA A 77 -6.97 25.62 -9.31
C ALA A 77 -8.15 26.07 -8.43
N THR A 78 -9.33 26.11 -9.03
CA THR A 78 -10.57 26.48 -8.36
C THR A 78 -11.54 25.31 -8.44
N VAL A 79 -12.29 25.13 -7.36
CA VAL A 79 -13.31 24.13 -7.29
C VAL A 79 -14.58 24.89 -7.11
N TYR A 80 -15.52 24.66 -8.02
CA TYR A 80 -16.88 25.12 -7.85
C TYR A 80 -17.76 23.96 -7.39
N THR A 81 -18.83 24.26 -6.65
CA THR A 81 -19.69 23.21 -6.08
C THR A 81 -21.09 23.74 -5.87
N SER A 82 -22.09 22.90 -6.12
CA SER A 82 -23.49 23.32 -5.97
C SER A 82 -23.80 23.58 -4.51
N GLY A 83 -23.18 22.77 -3.63
CA GLY A 83 -23.39 22.85 -2.18
C GLY A 83 -22.08 22.87 -1.45
N GLU A 84 -21.91 23.81 -0.52
CA GLU A 84 -20.69 23.94 0.28
C GLU A 84 -20.14 22.62 0.81
N HIS A 85 -18.84 22.44 0.71
CA HIS A 85 -18.17 21.20 1.08
C HIS A 85 -18.54 20.82 2.51
N CYS A 86 -18.85 19.54 2.76
CA CYS A 86 -18.91 19.01 4.12
C CYS A 86 -17.48 18.96 4.71
N PRO A 87 -17.35 18.73 6.02
CA PRO A 87 -16.03 18.68 6.65
C PRO A 87 -15.01 17.71 6.07
N MET A 88 -15.49 16.56 5.63
CA MET A 88 -14.64 15.58 4.92
C MET A 88 -13.99 16.18 3.67
N CYS A 89 -14.81 16.81 2.84
CA CYS A 89 -14.33 17.33 1.56
C CYS A 89 -13.52 18.56 1.77
N ALA A 90 -13.92 19.39 2.73
CA ALA A 90 -13.20 20.63 3.04
C ALA A 90 -11.81 20.33 3.54
N ALA A 91 -11.70 19.28 4.35
CA ALA A 91 -10.41 18.87 4.89
C ALA A 91 -9.55 18.25 3.81
N ALA A 92 -10.15 17.36 3.02
CA ALA A 92 -9.44 16.72 1.92
C ALA A 92 -8.85 17.77 0.94
N HIS A 93 -9.67 18.72 0.52
CA HIS A 93 -9.23 19.84 -0.33
C HIS A 93 -8.01 20.54 0.23
N ALA A 94 -8.05 20.86 1.52
CA ALA A 94 -6.94 21.53 2.18
C ALA A 94 -5.69 20.66 2.31
N TRP A 95 -5.88 19.36 2.56
CA TRP A 95 -4.73 18.45 2.66
C TRP A 95 -3.99 18.27 1.32
N VAL A 96 -4.73 18.20 0.22
CA VAL A 96 -4.08 18.11 -1.09
C VAL A 96 -3.64 19.48 -1.58
N GLY A 97 -3.94 20.57 -0.89
CA GLY A 97 -3.44 21.90 -1.26
C GLY A 97 -4.13 22.53 -2.44
N LEU A 98 -5.44 22.31 -2.57
CA LEU A 98 -6.25 22.95 -3.61
C LEU A 98 -6.53 24.38 -3.23
N GLY A 99 -6.93 25.16 -4.23
CA GLY A 99 -7.02 26.61 -4.13
C GLY A 99 -8.38 27.08 -3.67
N ARG A 100 -8.90 28.09 -4.35
CA ARG A 100 -10.20 28.70 -4.06
C ARG A 100 -11.37 27.71 -4.21
N ILE A 101 -12.43 27.97 -3.45
CA ILE A 101 -13.68 27.22 -3.48
C ILE A 101 -14.81 28.21 -3.66
N VAL A 102 -15.69 27.94 -4.62
CA VAL A 102 -16.90 28.73 -4.77
C VAL A 102 -18.12 27.79 -4.67
N TYR A 103 -19.10 28.19 -3.86
CA TYR A 103 -20.30 27.36 -3.69
C TYR A 103 -21.58 28.12 -3.95
N ALA A 104 -22.56 27.43 -4.53
CA ALA A 104 -23.87 28.06 -4.81
C ALA A 104 -24.76 28.13 -3.57
N THR A 105 -24.78 27.10 -2.73
CA THR A 105 -25.49 27.15 -1.43
C THR A 105 -24.59 26.67 -0.34
N SER A 106 -24.85 27.19 0.86
CA SER A 106 -24.02 26.88 2.03
C SER A 106 -24.61 25.67 2.72
N SER A 107 -23.81 25.04 3.57
CA SER A 107 -24.34 23.96 4.39
C SER A 107 -25.26 24.52 5.49
N ALA A 108 -25.17 25.82 5.76
CA ALA A 108 -26.17 26.48 6.63
C ALA A 108 -27.54 26.49 6.00
N GLN A 109 -27.64 26.93 4.74
CA GLN A 109 -28.94 26.91 4.07
C GLN A 109 -29.51 25.48 4.00
N LEU A 110 -28.67 24.52 3.62
CA LEU A 110 -29.12 23.14 3.50
C LEU A 110 -29.59 22.57 4.84
N GLY A 111 -28.79 22.74 5.89
CA GLY A 111 -29.17 22.31 7.23
C GLY A 111 -30.48 22.94 7.71
N GLY A 112 -30.67 24.24 7.44
CA GLY A 112 -31.94 24.93 7.73
C GLY A 112 -33.09 24.21 7.02
N TRP A 113 -32.90 23.97 5.73
CA TRP A 113 -33.92 23.35 4.90
C TRP A 113 -34.28 21.93 5.32
N LEU A 114 -33.28 21.13 5.69
CA LEU A 114 -33.51 19.76 6.14
C LEU A 114 -34.30 19.73 7.42
N THR A 115 -34.02 20.71 8.28
CA THR A 115 -34.77 20.87 9.49
C THR A 115 -36.22 21.24 9.23
N GLU A 116 -36.46 22.20 8.33
CA GLU A 116 -37.81 22.56 7.87
C GLU A 116 -38.57 21.32 7.42
N TRP A 117 -37.93 20.46 6.63
CA TRP A 117 -38.62 19.26 6.10
C TRP A 117 -38.71 18.10 7.08
N GLY A 118 -38.32 18.31 8.34
CA GLY A 118 -38.25 17.24 9.30
C GLY A 118 -37.31 16.10 8.94
N ALA A 119 -36.33 16.36 8.06
CA ALA A 119 -35.46 15.30 7.56
C ALA A 119 -34.38 15.06 8.59
N GLN A 120 -33.95 13.81 8.70
CA GLN A 120 -32.82 13.40 9.53
C GLN A 120 -31.58 14.28 9.30
N ALA A 121 -31.07 14.88 10.38
CA ALA A 121 -29.83 15.66 10.32
C ALA A 121 -28.71 14.68 9.98
N PRO A 122 -27.75 15.12 9.16
CA PRO A 122 -26.66 14.21 8.88
C PRO A 122 -25.80 13.95 10.14
N PRO A 123 -25.10 12.80 10.18
CA PRO A 123 -24.21 12.46 11.29
C PRO A 123 -22.95 13.33 11.36
N VAL A 124 -22.72 14.15 10.32
CA VAL A 124 -21.65 15.12 10.28
C VAL A 124 -22.22 16.53 10.35
N ALA A 125 -21.63 17.32 11.23
CA ALA A 125 -22.03 18.70 11.43
C ALA A 125 -21.77 19.54 10.18
N THR A 126 -22.67 20.48 9.92
CA THR A 126 -22.53 21.39 8.78
C THR A 126 -21.61 22.59 9.11
N LEU A 127 -20.32 22.32 9.26
CA LEU A 127 -19.33 23.36 9.56
C LEU A 127 -19.00 24.14 8.30
N PRO A 128 -18.93 25.47 8.39
CA PRO A 128 -18.44 26.24 7.27
C PRO A 128 -17.04 25.78 6.94
N ILE A 129 -16.66 25.98 5.69
CA ILE A 129 -15.36 25.52 5.22
C ILE A 129 -14.24 26.12 6.05
N ASN A 130 -14.27 27.43 6.27
CA ASN A 130 -13.13 28.08 6.99
C ASN A 130 -12.93 27.64 8.45
N THR A 131 -13.96 27.08 9.07
CA THR A 131 -13.78 26.38 10.32
C THR A 131 -12.88 25.14 10.21
N VAL A 132 -13.00 24.43 9.10
CA VAL A 132 -12.28 23.16 8.86
C VAL A 132 -10.95 23.42 8.17
N ALA A 133 -10.93 24.35 7.22
CA ALA A 133 -9.75 24.71 6.46
C ALA A 133 -9.57 26.24 6.49
N PRO A 134 -8.90 26.78 7.54
CA PRO A 134 -8.77 28.23 7.76
C PRO A 134 -8.14 29.03 6.63
N GLY A 135 -7.20 28.42 5.90
CA GLY A 135 -6.45 29.11 4.85
C GLY A 135 -7.07 29.26 3.47
N VAL A 136 -8.20 28.59 3.24
CA VAL A 136 -8.82 28.52 1.91
C VAL A 136 -9.66 29.75 1.65
N VAL A 137 -9.57 30.25 0.43
CA VAL A 137 -10.37 31.38 0.00
C VAL A 137 -11.70 30.80 -0.44
N VAL A 138 -12.79 31.38 0.04
CA VAL A 138 -14.13 30.79 -0.11
C VAL A 138 -15.10 31.88 -0.51
N ASP A 139 -15.82 31.67 -1.61
CA ASP A 139 -16.84 32.64 -2.07
C ASP A 139 -18.17 31.93 -2.26
N GLY A 140 -19.25 32.66 -2.05
CA GLY A 140 -20.60 32.12 -1.99
C GLY A 140 -21.29 32.50 -0.70
N PRO A 141 -22.60 32.29 -0.59
CA PRO A 141 -23.44 31.61 -1.60
C PRO A 141 -23.78 32.51 -2.77
N ALA A 142 -24.53 31.98 -3.73
CA ALA A 142 -24.97 32.72 -4.90
C ALA A 142 -26.47 32.96 -4.83
N GLU A 143 -26.86 34.18 -4.49
CA GLU A 143 -28.27 34.59 -4.35
C GLU A 143 -29.10 34.17 -5.58
N GLU A 144 -28.51 34.26 -6.76
CA GLU A 144 -29.16 33.86 -8.03
C GLU A 144 -29.64 32.38 -8.08
N LEU A 145 -28.97 31.47 -7.36
CA LEU A 145 -29.27 30.04 -7.43
C LEU A 145 -29.86 29.41 -6.16
N ALA A 146 -30.31 30.25 -5.22
CA ALA A 146 -30.91 29.78 -3.95
C ALA A 146 -32.21 28.99 -4.16
N GLU A 147 -33.15 29.57 -4.88
CA GLU A 147 -34.45 28.95 -5.09
C GLU A 147 -34.25 27.62 -5.86
N THR A 148 -33.34 27.61 -6.83
CA THR A 148 -33.13 26.42 -7.66
C THR A 148 -32.62 25.28 -6.83
N MET A 149 -31.66 25.58 -5.99
CA MET A 149 -31.09 24.56 -5.15
C MET A 149 -32.09 24.13 -4.09
N HIS A 150 -32.85 25.07 -3.56
CA HIS A 150 -33.89 24.76 -2.59
C HIS A 150 -34.82 23.68 -3.21
N ASN A 151 -35.24 23.93 -4.45
CA ASN A 151 -36.11 23.01 -5.19
C ASN A 151 -35.48 21.66 -5.45
N LEU A 152 -34.21 21.70 -5.82
CA LEU A 152 -33.44 20.48 -6.08
C LEU A 152 -33.27 19.65 -4.81
N TYR A 153 -32.89 20.29 -3.72
CA TYR A 153 -32.74 19.60 -2.46
C TYR A 153 -34.09 19.06 -2.00
N ARG A 154 -35.17 19.78 -2.30
CA ARG A 154 -36.52 19.41 -1.88
C ARG A 154 -36.95 18.12 -2.56
N ALA A 155 -36.66 18.03 -3.85
CA ALA A 155 -36.88 16.79 -4.60
C ALA A 155 -36.30 15.53 -3.91
N LYS A 156 -35.11 15.64 -3.33
CA LYS A 156 -34.44 14.47 -2.76
C LYS A 156 -34.71 14.26 -1.29
N PHE A 157 -34.78 15.33 -0.53
CA PHE A 157 -34.74 15.24 0.92
C PHE A 157 -36.01 15.70 1.63
N GLY A 158 -36.87 16.45 0.93
CA GLY A 158 -38.16 16.90 1.47
C GLY A 158 -39.15 15.79 1.76
N ARG A 159 -40.00 16.06 2.77
CA ARG A 159 -40.69 15.00 3.51
C ARG A 159 -41.75 15.62 4.39
N ALA B 2 -12.36 6.35 31.62
CA ALA B 2 -13.08 5.76 30.45
C ALA B 2 -12.25 4.78 29.58
N ILE B 3 -10.91 4.80 29.68
CA ILE B 3 -9.99 3.93 28.90
C ILE B 3 -9.69 2.64 29.66
N SER B 4 -10.21 1.51 29.17
CA SER B 4 -9.97 0.21 29.81
C SER B 4 -8.55 -0.31 29.55
N ASP B 5 -8.15 -1.30 30.32
CA ASP B 5 -6.91 -2.04 30.07
C ASP B 5 -6.90 -2.67 28.66
N ALA B 6 -8.02 -3.21 28.23
CA ALA B 6 -8.13 -3.81 26.89
C ALA B 6 -7.91 -2.78 25.79
N ASP B 7 -8.45 -1.58 26.01
CA ASP B 7 -8.27 -0.43 25.10
C ASP B 7 -6.82 -0.04 24.94
N LEU B 8 -6.10 0.04 26.07
CA LEU B 8 -4.67 0.33 26.09
C LEU B 8 -3.83 -0.65 25.26
N LYS B 9 -4.18 -1.94 25.30
CA LYS B 9 -3.49 -2.96 24.48
C LYS B 9 -3.59 -2.58 23.01
N TYR B 10 -4.78 -2.15 22.57
CA TYR B 10 -5.00 -1.78 21.16
C TYR B 10 -4.38 -0.43 20.82
N LEU B 11 -4.29 0.46 21.80
CA LEU B 11 -3.61 1.74 21.58
C LEU B 11 -2.12 1.56 21.43
N ARG B 12 -1.50 0.77 22.33
CA ARG B 12 -0.08 0.35 22.18
C ARG B 12 0.25 -0.23 20.80
N ARG B 13 -0.69 -0.99 20.26
CA ARG B 13 -0.57 -1.53 18.92
C ARG B 13 -0.66 -0.43 17.84
N CYS B 14 -1.56 0.55 18.02
CA CYS B 14 -1.61 1.72 17.14
C CYS B 14 -0.27 2.47 17.15
N VAL B 15 0.32 2.58 18.34
CA VAL B 15 1.59 3.25 18.53
C VAL B 15 2.71 2.53 17.76
N ASP B 16 2.70 1.20 17.77
CA ASP B 16 3.71 0.43 17.03
C ASP B 16 3.54 0.61 15.54
N LEU B 17 2.31 0.78 15.08
CA LEU B 17 2.07 1.08 13.68
C LEU B 17 2.57 2.49 13.31
N ALA B 18 2.45 3.45 14.24
CA ALA B 18 2.97 4.81 14.03
C ALA B 18 4.50 4.79 13.93
N ARG B 19 5.13 4.03 14.83
CA ARG B 19 6.52 3.68 14.73
C ARG B 19 6.90 3.06 13.36
N GLU B 20 6.22 2.00 12.95
CA GLU B 20 6.46 1.37 11.63
C GLU B 20 6.40 2.36 10.47
N ALA B 21 5.46 3.29 10.54
CA ALA B 21 5.34 4.28 9.51
C ALA B 21 6.50 5.27 9.51
N LEU B 22 6.90 5.71 10.70
CA LEU B 22 8.04 6.61 10.86
C LEU B 22 9.30 5.98 10.24
N ASP B 23 9.53 4.70 10.54
CA ASP B 23 10.71 3.97 10.09
C ASP B 23 10.74 3.78 8.57
N ASP B 24 9.58 3.56 7.95
CA ASP B 24 9.53 3.50 6.49
C ASP B 24 9.31 4.85 5.84
N GLY B 25 9.61 5.93 6.56
CA GLY B 25 9.63 7.29 5.99
C GLY B 25 8.33 8.06 5.93
N ASP B 26 7.30 7.54 6.60
CA ASP B 26 5.99 8.21 6.68
C ASP B 26 5.76 8.93 8.02
N GLU B 27 4.62 9.61 8.12
CA GLU B 27 4.22 10.35 9.33
C GLU B 27 3.77 9.33 10.41
N PRO B 28 4.07 9.60 11.69
CA PRO B 28 3.80 8.61 12.72
C PRO B 28 2.31 8.60 13.17
N PHE B 29 1.48 7.89 12.40
CA PHE B 29 0.05 7.70 12.69
C PHE B 29 -0.33 6.25 12.38
N GLY B 30 -1.02 5.61 13.31
CA GLY B 30 -1.54 4.25 13.08
C GLY B 30 -2.86 4.00 13.76
N SER B 31 -3.70 3.14 13.15
CA SER B 31 -5.05 2.86 13.61
C SER B 31 -5.42 1.43 13.41
N VAL B 32 -6.42 1.02 14.16
CA VAL B 32 -6.80 -0.38 14.25
C VAL B 32 -8.32 -0.49 14.38
N LEU B 33 -8.94 -1.16 13.42
CA LEU B 33 -10.39 -1.46 13.45
C LEU B 33 -10.67 -2.78 14.14
N VAL B 34 -11.41 -2.73 15.23
CA VAL B 34 -11.72 -3.93 16.04
C VAL B 34 -13.22 -4.18 16.00
N ASP B 35 -13.62 -5.43 15.77
CA ASP B 35 -15.06 -5.79 15.77
C ASP B 35 -15.57 -5.96 17.22
N HIS B 36 -16.90 -5.93 17.38
CA HIS B 36 -17.54 -6.11 18.71
C HIS B 36 -17.02 -7.31 19.52
N THR B 37 -16.72 -8.40 18.83
CA THR B 37 -16.10 -9.62 19.42
C THR B 37 -14.71 -9.41 20.09
N GLY B 38 -13.92 -8.45 19.59
CA GLY B 38 -12.51 -8.27 19.98
C GLY B 38 -11.52 -8.72 18.90
N THR B 39 -12.03 -9.15 17.74
CA THR B 39 -11.19 -9.53 16.59
C THR B 39 -10.73 -8.30 15.78
N THR B 40 -9.44 -8.24 15.50
CA THR B 40 -8.92 -7.15 14.70
C THR B 40 -9.28 -7.43 13.27
N LEU B 41 -10.05 -6.55 12.66
CA LEU B 41 -10.45 -6.74 11.28
C LEU B 41 -9.47 -6.14 10.30
N PHE B 42 -8.85 -5.03 10.67
CA PHE B 42 -8.00 -4.31 9.75
C PHE B 42 -7.09 -3.40 10.57
N GLU B 43 -5.93 -3.11 10.00
CA GLU B 43 -4.89 -2.30 10.59
C GLU B 43 -4.25 -1.50 9.49
N ASP B 44 -3.85 -0.29 9.81
CA ASP B 44 -3.20 0.53 8.81
C ASP B 44 -2.40 1.64 9.49
N ARG B 45 -1.66 2.36 8.65
CA ARG B 45 -0.82 3.45 9.07
C ARG B 45 -0.65 4.40 7.89
N ASN B 46 -0.01 5.53 8.16
CA ASN B 46 0.15 6.60 7.19
C ASN B 46 0.95 6.18 5.96
N ARG B 47 0.59 6.77 4.80
CA ARG B 47 1.27 6.52 3.50
C ARG B 47 1.32 7.78 2.58
N VAL B 48 1.71 8.94 3.12
CA VAL B 48 1.79 10.17 2.29
C VAL B 48 3.01 10.32 1.35
N ASP B 52 0.17 10.83 -1.86
CA ASP B 52 -1.20 11.37 -1.66
C ASP B 52 -1.42 11.83 -0.22
N ALA B 53 -1.77 13.10 0.00
CA ALA B 53 -1.94 13.67 1.38
C ALA B 53 -3.20 13.24 2.20
N THR B 54 -4.17 12.61 1.54
CA THR B 54 -5.34 12.01 2.20
C THR B 54 -5.18 10.52 2.66
N ALA B 55 -3.96 9.97 2.54
CA ALA B 55 -3.69 8.55 2.87
C ALA B 55 -3.55 8.34 4.38
N HIS B 56 -4.67 8.58 5.10
CA HIS B 56 -4.70 8.54 6.55
C HIS B 56 -5.24 7.18 6.91
N PRO B 57 -4.62 6.49 7.87
CA PRO B 57 -5.14 5.16 8.24
C PRO B 57 -6.61 5.12 8.73
N GLU B 58 -7.09 6.18 9.36
CA GLU B 58 -8.47 6.26 9.84
C GLU B 58 -9.44 6.31 8.65
N PHE B 59 -9.05 7.01 7.59
CA PHE B 59 -9.85 7.10 6.41
C PHE B 59 -9.86 5.75 5.71
N ALA B 60 -8.67 5.16 5.55
CA ALA B 60 -8.58 3.81 4.98
C ALA B 60 -9.53 2.82 5.68
N ILE B 61 -9.56 2.88 7.00
CA ILE B 61 -10.49 2.10 7.81
C ILE B 61 -11.97 2.40 7.49
N ALA B 62 -12.30 3.67 7.26
CA ALA B 62 -13.66 4.08 6.88
C ALA B 62 -14.11 3.45 5.53
N ARG B 63 -13.26 3.59 4.51
CA ARG B 63 -13.49 2.99 3.19
C ARG B 63 -13.55 1.47 3.26
N TRP B 64 -12.67 0.89 4.07
CA TRP B 64 -12.65 -0.56 4.29
C TRP B 64 -13.93 -1.04 4.96
N ALA B 65 -14.32 -0.38 6.04
CA ALA B 65 -15.51 -0.78 6.77
C ALA B 65 -16.76 -0.70 5.88
N ALA B 66 -16.82 0.34 5.04
CA ALA B 66 -17.91 0.46 4.09
C ALA B 66 -17.90 -0.67 3.05
N ARG B 67 -16.71 -1.03 2.55
CA ARG B 67 -16.58 -2.04 1.48
C ARG B 67 -16.85 -3.47 2.01
N HIS B 68 -16.44 -3.78 3.24
CA HIS B 68 -16.40 -5.16 3.76
C HIS B 68 -17.29 -5.47 4.94
N LEU B 69 -18.06 -4.52 5.45
CA LEU B 69 -18.94 -4.78 6.62
C LEU B 69 -20.35 -4.35 6.38
N THR B 70 -21.26 -4.87 7.20
CA THR B 70 -22.67 -4.50 7.13
C THR B 70 -22.88 -3.30 8.03
N PRO B 71 -23.81 -2.39 7.65
CA PRO B 71 -24.14 -1.22 8.48
C PRO B 71 -24.22 -1.55 9.97
N ASP B 72 -24.76 -2.71 10.27
CA ASP B 72 -24.89 -3.20 11.62
C ASP B 72 -23.55 -3.53 12.28
N ARG B 73 -22.68 -4.25 11.57
CA ARG B 73 -21.38 -4.62 12.13
C ARG B 73 -20.49 -3.37 12.34
N ARG B 74 -20.50 -2.46 11.35
CA ARG B 74 -19.83 -1.15 11.45
C ARG B 74 -20.18 -0.43 12.73
N ALA B 75 -21.46 -0.32 13.01
CA ALA B 75 -21.95 0.44 14.15
C ALA B 75 -21.42 -0.10 15.48
N ARG B 76 -21.18 -1.41 15.54
CA ARG B 76 -20.68 -2.11 16.75
C ARG B 76 -19.15 -2.23 16.82
N ALA B 77 -18.47 -1.75 15.77
CA ALA B 77 -17.01 -1.76 15.71
C ALA B 77 -16.37 -0.56 16.39
N THR B 78 -15.13 -0.76 16.83
CA THR B 78 -14.33 0.28 17.46
C THR B 78 -13.09 0.54 16.62
N VAL B 79 -12.70 1.81 16.57
CA VAL B 79 -11.51 2.22 15.90
C VAL B 79 -10.65 2.78 16.97
N TYR B 80 -9.45 2.25 17.08
CA TYR B 80 -8.40 2.84 17.90
C TYR B 80 -7.39 3.57 17.02
N THR B 81 -6.75 4.59 17.55
CA THR B 81 -5.85 5.44 16.78
C THR B 81 -4.81 6.08 17.67
N SER B 82 -3.59 6.20 17.17
CA SER B 82 -2.51 6.79 17.96
C SER B 82 -2.78 8.27 18.18
N GLY B 83 -3.37 8.92 17.18
CA GLY B 83 -3.65 10.35 17.21
C GLY B 83 -5.08 10.63 16.77
N GLU B 84 -5.81 11.44 17.55
CA GLU B 84 -7.20 11.78 17.27
C GLU B 84 -7.44 12.11 15.79
N HIS B 85 -8.53 11.60 15.23
CA HIS B 85 -8.90 11.76 13.83
C HIS B 85 -8.90 13.23 13.47
N CYS B 86 -8.30 13.59 12.33
CA CYS B 86 -8.52 14.91 11.74
C CYS B 86 -9.97 15.01 11.26
N PRO B 87 -10.42 16.22 10.90
CA PRO B 87 -11.80 16.41 10.38
C PRO B 87 -12.25 15.57 9.19
N MET B 88 -11.33 15.32 8.27
CA MET B 88 -11.60 14.38 7.16
C MET B 88 -11.97 12.98 7.66
N CYS B 89 -11.15 12.43 8.54
CA CYS B 89 -11.34 11.07 8.99
C CYS B 89 -12.52 10.99 9.92
N ALA B 90 -12.69 12.00 10.75
CA ALA B 90 -13.80 12.03 11.70
C ALA B 90 -15.13 12.07 10.97
N ALA B 91 -15.18 12.83 9.89
CA ALA B 91 -16.38 12.92 9.09
C ALA B 91 -16.62 11.63 8.33
N ALA B 92 -15.58 11.07 7.74
CA ALA B 92 -15.69 9.84 7.00
C ALA B 92 -16.22 8.73 7.89
N HIS B 93 -15.62 8.60 9.07
CA HIS B 93 -16.09 7.62 10.08
C HIS B 93 -17.61 7.73 10.35
N ALA B 94 -18.08 8.97 10.56
CA ALA B 94 -19.48 9.21 10.85
C ALA B 94 -20.37 8.94 9.64
N TRP B 95 -19.91 9.26 8.43
CA TRP B 95 -20.70 9.01 7.21
C TRP B 95 -20.90 7.48 6.93
N VAL B 96 -19.87 6.67 7.13
CA VAL B 96 -20.03 5.22 7.01
C VAL B 96 -20.70 4.59 8.23
N GLY B 97 -20.96 5.33 9.29
CA GLY B 97 -21.66 4.78 10.45
C GLY B 97 -20.84 3.86 11.33
N LEU B 98 -19.54 4.18 11.50
CA LEU B 98 -18.70 3.44 12.45
C LEU B 98 -19.03 3.85 13.88
N GLY B 99 -18.56 3.03 14.82
CA GLY B 99 -18.91 3.15 16.22
C GLY B 99 -17.94 3.99 17.00
N ARG B 100 -17.57 3.48 18.17
CA ARG B 100 -16.69 4.18 19.11
C ARG B 100 -15.30 4.44 18.51
N ILE B 101 -14.66 5.50 19.00
CA ILE B 101 -13.32 5.88 18.66
C ILE B 101 -12.54 6.07 19.94
N VAL B 102 -11.35 5.47 20.00
CA VAL B 102 -10.45 5.70 21.10
C VAL B 102 -9.13 6.21 20.54
N TYR B 103 -8.61 7.27 21.16
CA TYR B 103 -7.33 7.80 20.72
C TYR B 103 -6.29 7.95 21.83
N ALA B 104 -5.03 7.76 21.50
CA ALA B 104 -3.96 7.91 22.50
C ALA B 104 -3.57 9.36 22.73
N THR B 105 -3.52 10.17 21.69
CA THR B 105 -3.31 11.60 21.86
C THR B 105 -4.34 12.37 21.07
N SER B 106 -4.66 13.56 21.55
CA SER B 106 -5.66 14.42 20.90
C SER B 106 -4.99 15.30 19.91
N SER B 107 -5.79 15.88 19.03
CA SER B 107 -5.30 16.89 18.14
C SER B 107 -4.93 18.18 18.91
N ALA B 108 -5.49 18.36 20.10
CA ALA B 108 -5.10 19.47 20.96
C ALA B 108 -3.66 19.31 21.42
N GLN B 109 -3.29 18.13 21.93
CA GLN B 109 -1.94 17.91 22.33
C GLN B 109 -0.97 18.08 21.16
N LEU B 110 -1.31 17.50 20.02
CA LEU B 110 -0.47 17.60 18.86
C LEU B 110 -0.27 19.07 18.42
N GLY B 111 -1.37 19.80 18.27
CA GLY B 111 -1.31 21.19 17.92
C GLY B 111 -0.50 22.04 18.91
N GLY B 112 -0.64 21.77 20.20
CA GLY B 112 0.19 22.38 21.24
C GLY B 112 1.67 22.10 21.00
N TRP B 113 1.98 20.82 20.77
CA TRP B 113 3.34 20.38 20.52
C TRP B 113 3.98 20.95 19.25
N LEU B 114 3.22 21.05 18.17
CA LEU B 114 3.75 21.65 16.94
C LEU B 114 4.09 23.11 17.18
N THR B 115 3.26 23.79 17.99
CA THR B 115 3.49 25.21 18.29
C THR B 115 4.73 25.37 19.12
N GLU B 116 4.89 24.51 20.12
CA GLU B 116 6.11 24.41 20.90
C GLU B 116 7.36 24.23 20.04
N TRP B 117 7.31 23.35 19.04
CA TRP B 117 8.47 23.12 18.17
C TRP B 117 8.65 24.15 17.07
N GLY B 118 7.84 25.23 17.07
CA GLY B 118 7.86 26.18 15.97
C GLY B 118 7.50 25.61 14.61
N ALA B 119 6.78 24.50 14.57
CA ALA B 119 6.45 23.83 13.28
C ALA B 119 5.21 24.44 12.64
N GLN B 120 5.21 24.44 11.32
CA GLN B 120 4.05 24.83 10.49
C GLN B 120 2.76 24.11 10.95
N ALA B 121 1.73 24.90 11.22
CA ALA B 121 0.39 24.37 11.48
C ALA B 121 -0.11 23.66 10.22
N PRO B 122 -0.86 22.56 10.37
CA PRO B 122 -1.47 21.97 9.19
C PRO B 122 -2.54 22.85 8.54
N PRO B 123 -2.79 22.65 7.23
CA PRO B 123 -3.83 23.40 6.50
C PRO B 123 -5.27 23.06 6.91
N VAL B 124 -5.43 22.03 7.74
CA VAL B 124 -6.69 21.65 8.34
C VAL B 124 -6.64 21.89 9.84
N ALA B 125 -7.68 22.57 10.34
CA ALA B 125 -7.84 22.84 11.75
C ALA B 125 -7.97 21.55 12.60
N THR B 126 -7.36 21.58 13.79
CA THR B 126 -7.39 20.44 14.73
C THR B 126 -8.66 20.39 15.56
N LEU B 127 -9.80 20.15 14.89
CA LEU B 127 -11.07 20.11 15.56
C LEU B 127 -11.20 18.81 16.32
N PRO B 128 -11.70 18.85 17.56
CA PRO B 128 -12.06 17.63 18.22
C PRO B 128 -13.08 16.88 17.41
N ILE B 129 -13.11 15.57 17.58
CA ILE B 129 -13.99 14.72 16.81
C ILE B 129 -15.44 15.13 16.99
N ASN B 130 -15.89 15.32 18.22
CA ASN B 130 -17.32 15.63 18.46
C ASN B 130 -17.81 16.98 17.89
N THR B 131 -16.91 17.90 17.59
CA THR B 131 -17.24 19.06 16.75
C THR B 131 -17.61 18.70 15.33
N VAL B 132 -16.94 17.69 14.78
CA VAL B 132 -17.19 17.25 13.41
C VAL B 132 -18.30 16.19 13.36
N ALA B 133 -18.29 15.26 14.31
CA ALA B 133 -19.23 14.12 14.34
C ALA B 133 -19.82 14.08 15.75
N PRO B 134 -20.88 14.88 16.00
CA PRO B 134 -21.49 15.00 17.33
C PRO B 134 -21.95 13.68 17.99
N GLY B 135 -22.39 12.72 17.20
CA GLY B 135 -22.97 11.47 17.73
C GLY B 135 -22.03 10.36 18.17
N VAL B 136 -20.74 10.50 17.86
CA VAL B 136 -19.77 9.45 18.06
C VAL B 136 -19.32 9.44 19.54
N VAL B 137 -19.16 8.25 20.07
CA VAL B 137 -18.62 8.08 21.41
C VAL B 137 -17.11 8.07 21.27
N VAL B 138 -16.43 8.86 22.09
CA VAL B 138 -15.02 9.15 21.91
C VAL B 138 -14.37 9.04 23.26
N ASP B 139 -13.31 8.23 23.36
CA ASP B 139 -12.54 8.12 24.59
C ASP B 139 -11.06 8.39 24.31
N GLY B 140 -10.37 8.91 25.33
CA GLY B 140 -9.00 9.40 25.21
C GLY B 140 -8.91 10.84 25.65
N PRO B 141 -7.70 11.37 25.84
CA PRO B 141 -6.41 10.70 25.55
C PRO B 141 -5.99 9.71 26.61
N ALA B 142 -4.85 9.07 26.38
CA ALA B 142 -4.28 8.09 27.28
C ALA B 142 -3.01 8.63 27.93
N GLU B 143 -3.12 9.05 29.19
CA GLU B 143 -1.98 9.59 29.98
C GLU B 143 -0.75 8.72 29.92
N GLU B 144 -0.96 7.41 29.90
CA GLU B 144 0.12 6.42 29.81
C GLU B 144 1.01 6.54 28.54
N LEU B 145 0.46 7.03 27.42
CA LEU B 145 1.19 7.11 26.14
C LEU B 145 1.58 8.51 25.66
N ALA B 146 1.45 9.53 26.53
CA ALA B 146 1.69 10.93 26.14
C ALA B 146 3.14 11.19 25.77
N GLU B 147 4.06 10.81 26.66
CA GLU B 147 5.47 11.06 26.45
C GLU B 147 5.95 10.31 25.20
N THR B 148 5.46 9.09 25.00
CA THR B 148 5.87 8.29 23.85
C THR B 148 5.45 8.96 22.56
N MET B 149 4.22 9.42 22.50
CA MET B 149 3.72 10.06 21.29
C MET B 149 4.37 11.40 21.10
N HIS B 150 4.63 12.11 22.19
CA HIS B 150 5.35 13.36 22.14
C HIS B 150 6.69 13.15 21.44
N ASN B 151 7.42 12.15 21.89
CA ASN B 151 8.73 11.80 21.31
C ASN B 151 8.62 11.41 19.86
N LEU B 152 7.61 10.61 19.54
CA LEU B 152 7.43 10.17 18.19
C LEU B 152 7.06 11.30 17.26
N TYR B 153 6.13 12.16 17.69
CA TYR B 153 5.76 13.31 16.89
C TYR B 153 6.95 14.26 16.73
N ARG B 154 7.80 14.36 17.77
CA ARG B 154 8.98 15.21 17.74
C ARG B 154 9.96 14.76 16.68
N ALA B 155 10.16 13.44 16.59
CA ALA B 155 11.00 12.84 15.53
C ALA B 155 10.63 13.33 14.12
N LYS B 156 9.34 13.40 13.83
CA LYS B 156 8.89 13.71 12.47
C LYS B 156 8.69 15.20 12.21
N PHE B 157 8.17 15.91 13.21
CA PHE B 157 7.69 17.29 13.03
C PHE B 157 8.50 18.36 13.77
N GLY B 158 9.25 17.98 14.81
CA GLY B 158 10.12 18.91 15.55
C GLY B 158 11.56 18.96 15.01
N ARG B 159 12.09 17.75 14.77
CA ARG B 159 13.51 17.48 14.58
C ARG B 159 13.81 17.79 13.13
N ALA C 2 27.08 -17.95 -28.73
CA ALA C 2 27.53 -16.52 -28.82
C ALA C 2 27.32 -15.67 -27.56
N ILE C 3 28.37 -15.65 -26.75
CA ILE C 3 28.71 -14.47 -25.96
C ILE C 3 29.49 -13.58 -26.91
N SER C 4 28.89 -12.46 -27.31
CA SER C 4 29.54 -11.54 -28.24
C SER C 4 30.63 -10.73 -27.54
N ASP C 5 31.48 -10.10 -28.35
CA ASP C 5 32.48 -9.15 -27.86
C ASP C 5 31.85 -7.99 -27.09
N ALA C 6 30.72 -7.51 -27.58
CA ALA C 6 29.98 -6.43 -26.91
C ALA C 6 29.47 -6.85 -25.53
N ASP C 7 29.00 -8.10 -25.43
CA ASP C 7 28.56 -8.72 -24.17
C ASP C 7 29.67 -8.75 -23.14
N LEU C 8 30.85 -9.20 -23.57
CA LEU C 8 32.05 -9.25 -22.73
C LEU C 8 32.42 -7.90 -22.14
N LYS C 9 32.26 -6.84 -22.93
CA LYS C 9 32.49 -5.47 -22.45
C LYS C 9 31.59 -5.16 -21.25
N TYR C 10 30.31 -5.55 -21.33
CA TYR C 10 29.36 -5.32 -20.24
C TYR C 10 29.59 -6.28 -19.06
N LEU C 11 30.09 -7.48 -19.34
CA LEU C 11 30.42 -8.39 -18.26
C LEU C 11 31.60 -7.89 -17.48
N ARG C 12 32.67 -7.48 -18.17
CA ARG C 12 33.85 -6.82 -17.52
C ARG C 12 33.45 -5.67 -16.61
N ARG C 13 32.45 -4.92 -17.02
CA ARG C 13 31.89 -3.85 -16.22
C ARG C 13 31.15 -4.37 -14.99
N CYS C 14 30.40 -5.47 -15.14
CA CYS C 14 29.76 -6.16 -13.99
C CYS C 14 30.81 -6.63 -13.00
N VAL C 15 31.92 -7.16 -13.53
CA VAL C 15 33.05 -7.57 -12.71
C VAL C 15 33.67 -6.40 -11.91
N ASP C 16 33.82 -5.24 -12.53
CA ASP C 16 34.34 -4.06 -11.81
C ASP C 16 33.38 -3.61 -10.71
N LEU C 17 32.07 -3.77 -10.93
CA LEU C 17 31.08 -3.46 -9.88
C LEU C 17 31.13 -4.46 -8.72
N ALA C 18 31.43 -5.74 -9.03
CA ALA C 18 31.66 -6.74 -7.99
C ALA C 18 32.92 -6.39 -7.17
N ARG C 19 33.98 -5.99 -7.86
CA ARG C 19 35.14 -5.44 -7.14
C ARG C 19 34.81 -4.24 -6.28
N GLU C 20 34.13 -3.23 -6.83
CA GLU C 20 33.71 -2.07 -6.04
C GLU C 20 32.94 -2.44 -4.79
N ALA C 21 32.09 -3.45 -4.88
CA ALA C 21 31.31 -3.91 -3.71
C ALA C 21 32.22 -4.59 -2.67
N LEU C 22 33.15 -5.42 -3.14
CA LEU C 22 34.13 -6.06 -2.28
C LEU C 22 34.92 -5.01 -1.48
N ASP C 23 35.41 -3.97 -2.18
CA ASP C 23 36.21 -2.89 -1.57
C ASP C 23 35.45 -2.06 -0.53
N ASP C 24 34.17 -1.79 -0.77
CA ASP C 24 33.33 -1.13 0.24
C ASP C 24 32.69 -2.11 1.24
N GLY C 25 33.23 -3.33 1.35
CA GLY C 25 32.84 -4.26 2.41
C GLY C 25 31.67 -5.17 2.14
N ASP C 26 31.18 -5.19 0.89
CA ASP C 26 30.04 -6.03 0.49
C ASP C 26 30.50 -7.30 -0.26
N GLU C 27 29.52 -8.15 -0.58
CA GLU C 27 29.75 -9.36 -1.37
C GLU C 27 30.03 -9.00 -2.85
N PRO C 28 30.97 -9.72 -3.51
CA PRO C 28 31.34 -9.36 -4.88
C PRO C 28 30.32 -9.84 -5.97
N PHE C 29 29.29 -9.03 -6.14
CA PHE C 29 28.27 -9.24 -7.18
C PHE C 29 27.93 -7.88 -7.80
N GLY C 30 27.91 -7.82 -9.13
CA GLY C 30 27.45 -6.63 -9.84
C GLY C 30 26.69 -6.97 -11.09
N SER C 31 25.74 -6.10 -11.46
CA SER C 31 24.90 -6.28 -12.62
C SER C 31 24.62 -4.96 -13.33
N VAL C 32 24.21 -5.08 -14.58
CA VAL C 32 24.08 -3.94 -15.48
C VAL C 32 22.87 -4.15 -16.41
N LEU C 33 21.89 -3.25 -16.31
CA LEU C 33 20.70 -3.26 -17.18
C LEU C 33 20.96 -2.43 -18.44
N VAL C 34 20.90 -3.06 -19.59
CA VAL C 34 21.15 -2.40 -20.86
C VAL C 34 19.86 -2.41 -21.71
N ASP C 35 19.50 -1.26 -22.30
CA ASP C 35 18.33 -1.18 -23.20
C ASP C 35 18.68 -1.70 -24.60
N HIS C 36 17.64 -2.02 -25.37
CA HIS C 36 17.80 -2.56 -26.74
C HIS C 36 18.79 -1.79 -27.58
N THR C 37 18.81 -0.47 -27.39
CA THR C 37 19.77 0.45 -28.02
C THR C 37 21.26 0.13 -27.82
N GLY C 38 21.59 -0.32 -26.61
CA GLY C 38 22.96 -0.38 -26.11
C GLY C 38 23.26 0.65 -25.00
N THR C 39 22.27 1.44 -24.61
CA THR C 39 22.40 2.42 -23.53
C THR C 39 22.27 1.73 -22.16
N THR C 40 23.22 2.01 -21.28
CA THR C 40 23.13 1.51 -19.93
C THR C 40 22.08 2.30 -19.18
N LEU C 41 21.02 1.65 -18.73
CA LEU C 41 19.97 2.34 -18.00
C LEU C 41 20.23 2.40 -16.51
N PHE C 42 20.85 1.36 -15.97
CA PHE C 42 21.00 1.24 -14.53
C PHE C 42 22.11 0.25 -14.26
N GLU C 43 22.76 0.45 -13.12
CA GLU C 43 23.90 -0.35 -12.67
C GLU C 43 23.80 -0.47 -11.18
N ASP C 44 24.20 -1.62 -10.67
CA ASP C 44 24.14 -1.80 -9.24
C ASP C 44 25.08 -2.91 -8.83
N ARG C 45 25.18 -3.08 -7.52
CA ARG C 45 26.03 -4.07 -6.90
C ARG C 45 25.44 -4.37 -5.52
N ASN C 46 26.02 -5.38 -4.87
CA ASN C 46 25.53 -5.90 -3.59
C ASN C 46 25.58 -4.85 -2.46
N ARG C 47 24.60 -4.94 -1.53
CA ARG C 47 24.48 -4.04 -0.37
C ARG C 47 23.90 -4.81 0.84
N GLY C 51 21.47 -3.40 3.82
CA GLY C 51 20.86 -3.45 5.15
C GLY C 51 20.28 -4.83 5.41
N ASP C 52 19.60 -5.36 4.38
CA ASP C 52 18.94 -6.66 4.40
C ASP C 52 19.60 -7.66 3.37
N ALA C 53 19.38 -8.95 3.61
CA ALA C 53 19.97 -10.04 2.80
C ALA C 53 19.40 -10.24 1.37
N THR C 54 18.28 -9.58 1.05
CA THR C 54 17.71 -9.56 -0.32
C THR C 54 18.24 -8.42 -1.25
N ALA C 55 19.24 -7.64 -0.79
CA ALA C 55 19.78 -6.48 -1.53
C ALA C 55 20.75 -6.91 -2.66
N HIS C 56 20.20 -7.64 -3.63
CA HIS C 56 20.95 -8.24 -4.73
C HIS C 56 20.78 -7.30 -5.91
N PRO C 57 21.86 -7.02 -6.66
CA PRO C 57 21.76 -6.03 -7.72
C PRO C 57 20.81 -6.44 -8.83
N GLU C 58 20.64 -7.74 -9.05
CA GLU C 58 19.72 -8.25 -10.07
C GLU C 58 18.28 -7.96 -9.67
N PHE C 59 18.00 -8.05 -8.38
CA PHE C 59 16.65 -7.76 -7.87
C PHE C 59 16.40 -6.27 -7.96
N ALA C 60 17.36 -5.47 -7.50
CA ALA C 60 17.28 -4.01 -7.65
C ALA C 60 16.93 -3.60 -9.10
N ILE C 61 17.64 -4.18 -10.06
CA ILE C 61 17.32 -4.00 -11.47
C ILE C 61 15.86 -4.38 -11.84
N ALA C 62 15.35 -5.48 -11.27
CA ALA C 62 13.97 -5.91 -11.52
C ALA C 62 12.95 -4.87 -11.04
N ARG C 63 13.11 -4.41 -9.79
CA ARG C 63 12.25 -3.37 -9.20
C ARG C 63 12.37 -2.06 -9.95
N TRP C 64 13.61 -1.71 -10.35
CA TRP C 64 13.85 -0.52 -11.14
C TRP C 64 13.18 -0.59 -12.51
N ALA C 65 13.37 -1.70 -13.21
CA ALA C 65 12.78 -1.87 -14.54
C ALA C 65 11.25 -1.78 -14.46
N ALA C 66 10.67 -2.34 -13.41
CA ALA C 66 9.23 -2.25 -13.19
C ALA C 66 8.77 -0.82 -12.90
N ARG C 67 9.54 -0.07 -12.10
CA ARG C 67 9.20 1.32 -11.74
C ARG C 67 9.37 2.30 -12.91
N HIS C 68 10.41 2.13 -13.74
CA HIS C 68 10.80 3.15 -14.74
C HIS C 68 10.70 2.78 -16.20
N LEU C 69 10.25 1.57 -16.53
CA LEU C 69 10.17 1.15 -17.94
C LEU C 69 8.80 0.61 -18.27
N THR C 70 8.50 0.59 -19.57
CA THR C 70 7.22 0.05 -20.04
C THR C 70 7.42 -1.44 -20.25
N PRO C 71 6.38 -2.26 -19.99
CA PRO C 71 6.42 -3.70 -20.31
C PRO C 71 7.15 -4.02 -21.58
N ASP C 72 6.94 -3.19 -22.59
CA ASP C 72 7.58 -3.35 -23.89
C ASP C 72 9.10 -3.11 -23.85
N ARG C 73 9.52 -2.04 -23.19
CA ARG C 73 10.93 -1.71 -23.10
C ARG C 73 11.70 -2.78 -22.28
N ARG C 74 11.11 -3.17 -21.15
CA ARG C 74 11.63 -4.28 -20.31
C ARG C 74 11.94 -5.53 -21.09
N ALA C 75 10.97 -5.96 -21.89
CA ALA C 75 11.08 -7.19 -22.67
C ALA C 75 12.30 -7.18 -23.62
N ARG C 76 12.63 -6.00 -24.14
CA ARG C 76 13.76 -5.81 -25.08
C ARG C 76 15.10 -5.49 -24.42
N ALA C 77 15.09 -5.35 -23.08
CA ALA C 77 16.30 -5.07 -22.31
C ALA C 77 17.11 -6.33 -21.95
N THR C 78 18.39 -6.13 -21.73
CA THR C 78 19.31 -7.18 -21.33
C THR C 78 19.89 -6.86 -19.97
N VAL C 79 20.08 -7.90 -19.17
CA VAL C 79 20.70 -7.78 -17.87
C VAL C 79 21.96 -8.60 -17.97
N TYR C 80 23.09 -7.95 -17.71
CA TYR C 80 24.36 -8.65 -17.52
C TYR C 80 24.64 -8.75 -16.02
N THR C 81 25.37 -9.80 -15.63
CA THR C 81 25.64 -10.05 -14.21
C THR C 81 26.94 -10.81 -14.04
N SER C 82 27.71 -10.45 -13.02
CA SER C 82 28.99 -11.13 -12.75
C SER C 82 28.74 -12.59 -12.38
N GLY C 83 27.64 -12.84 -11.64
CA GLY C 83 27.28 -14.19 -11.17
C GLY C 83 25.83 -14.49 -11.45
N GLU C 84 25.56 -15.66 -12.02
CA GLU C 84 24.20 -16.09 -12.36
C GLU C 84 23.18 -15.82 -11.26
N HIS C 85 22.03 -15.31 -11.65
CA HIS C 85 20.98 -14.92 -10.74
C HIS C 85 20.63 -16.08 -9.80
N CYS C 86 20.47 -15.81 -8.50
CA CYS C 86 19.85 -16.77 -7.58
C CYS C 86 18.35 -16.89 -7.92
N PRO C 87 17.67 -17.90 -7.38
CA PRO C 87 16.24 -18.07 -7.62
C PRO C 87 15.33 -16.87 -7.37
N MET C 88 15.62 -16.11 -6.33
CA MET C 88 14.92 -14.84 -6.05
C MET C 88 14.98 -13.87 -7.23
N CYS C 89 16.18 -13.63 -7.72
CA CYS C 89 16.41 -12.66 -8.76
C CYS C 89 15.94 -13.17 -10.08
N ALA C 90 16.14 -14.46 -10.33
CA ALA C 90 15.69 -15.09 -11.55
C ALA C 90 14.18 -15.03 -11.68
N ALA C 91 13.49 -15.24 -10.56
CA ALA C 91 12.04 -15.19 -10.54
C ALA C 91 11.55 -13.77 -10.69
N ALA C 92 12.16 -12.85 -9.96
CA ALA C 92 11.79 -11.45 -10.04
C ALA C 92 11.93 -10.91 -11.50
N HIS C 93 13.06 -11.16 -12.13
CA HIS C 93 13.29 -10.83 -13.54
C HIS C 93 12.16 -11.31 -14.46
N ALA C 94 11.77 -12.56 -14.29
CA ALA C 94 10.71 -13.14 -15.10
C ALA C 94 9.34 -12.54 -14.79
N TRP C 95 9.07 -12.24 -13.52
CA TRP C 95 7.80 -11.65 -13.14
C TRP C 95 7.63 -10.23 -13.72
N VAL C 96 8.69 -9.44 -13.73
CA VAL C 96 8.60 -8.11 -14.32
C VAL C 96 8.73 -8.17 -15.84
N GLY C 97 9.01 -9.32 -16.43
CA GLY C 97 9.07 -9.46 -17.89
C GLY C 97 10.31 -8.90 -18.54
N LEU C 98 11.45 -9.01 -17.88
CA LEU C 98 12.74 -8.62 -18.46
C LEU C 98 13.19 -9.65 -19.46
N GLY C 99 14.14 -9.24 -20.29
CA GLY C 99 14.55 -9.99 -21.46
C GLY C 99 15.71 -10.94 -21.18
N ARG C 100 16.69 -10.93 -22.07
CA ARG C 100 17.87 -11.76 -21.99
C ARG C 100 18.73 -11.49 -20.73
N ILE C 101 19.42 -12.54 -20.30
CA ILE C 101 20.34 -12.50 -19.16
C ILE C 101 21.66 -13.09 -19.62
N VAL C 102 22.74 -12.37 -19.35
CA VAL C 102 24.08 -12.89 -19.61
C VAL C 102 24.88 -12.87 -18.30
N TYR C 103 25.55 -13.98 -18.00
CA TYR C 103 26.31 -14.08 -16.76
C TYR C 103 27.73 -14.51 -16.98
N ALA C 104 28.66 -13.98 -16.19
CA ALA C 104 30.07 -14.34 -16.30
C ALA C 104 30.40 -15.67 -15.60
N THR C 105 29.83 -15.94 -14.44
CA THR C 105 29.94 -17.26 -13.80
C THR C 105 28.58 -17.78 -13.40
N SER C 106 28.46 -19.09 -13.35
CA SER C 106 27.19 -19.75 -13.01
C SER C 106 27.13 -19.97 -11.52
N SER C 107 25.93 -20.23 -11.01
CA SER C 107 25.79 -20.58 -9.60
C SER C 107 26.31 -22.01 -9.36
N ALA C 108 26.47 -22.81 -10.42
CA ALA C 108 27.17 -24.09 -10.32
C ALA C 108 28.64 -23.89 -10.00
N GLN C 109 29.33 -23.03 -10.75
CA GLN C 109 30.75 -22.78 -10.43
C GLN C 109 30.91 -22.23 -9.01
N LEU C 110 30.07 -21.27 -8.63
CA LEU C 110 30.16 -20.68 -7.29
C LEU C 110 29.90 -21.70 -6.18
N GLY C 111 28.83 -22.48 -6.31
CA GLY C 111 28.52 -23.54 -5.36
C GLY C 111 29.64 -24.56 -5.24
N GLY C 112 30.26 -24.96 -6.37
CA GLY C 112 31.44 -25.83 -6.36
C GLY C 112 32.56 -25.20 -5.54
N TRP C 113 32.84 -23.93 -5.82
CA TRP C 113 33.90 -23.20 -5.14
C TRP C 113 33.69 -23.02 -3.61
N LEU C 114 32.45 -22.73 -3.21
CA LEU C 114 32.13 -22.58 -1.79
C LEU C 114 32.30 -23.87 -1.05
N THR C 115 31.97 -24.96 -1.72
CA THR C 115 32.17 -26.28 -1.16
C THR C 115 33.66 -26.60 -0.99
N GLU C 116 34.47 -26.31 -2.02
CA GLU C 116 35.94 -26.42 -1.94
C GLU C 116 36.47 -25.67 -0.72
N TRP C 117 35.99 -24.46 -0.49
CA TRP C 117 36.49 -23.65 0.63
C TRP C 117 35.91 -23.99 1.96
N GLY C 118 35.13 -25.07 2.04
CA GLY C 118 34.39 -25.40 3.25
C GLY C 118 33.40 -24.35 3.74
N ALA C 119 32.98 -23.44 2.85
CA ALA C 119 32.13 -22.31 3.26
C ALA C 119 30.70 -22.81 3.38
N GLN C 120 29.96 -22.21 4.32
CA GLN C 120 28.50 -22.44 4.49
C GLN C 120 27.77 -22.36 3.17
N ALA C 121 27.06 -23.44 2.81
CA ALA C 121 26.18 -23.43 1.64
C ALA C 121 25.08 -22.43 1.92
N PRO C 122 24.65 -21.69 0.89
CA PRO C 122 23.58 -20.75 1.17
C PRO C 122 22.28 -21.49 1.45
N PRO C 123 21.34 -20.83 2.17
CA PRO C 123 20.02 -21.43 2.48
C PRO C 123 19.10 -21.55 1.27
N VAL C 124 19.53 -20.97 0.14
CA VAL C 124 18.84 -21.08 -1.13
C VAL C 124 19.68 -21.90 -2.12
N ALA C 125 19.02 -22.87 -2.76
CA ALA C 125 19.63 -23.75 -3.72
C ALA C 125 20.11 -22.96 -4.95
N THR C 126 21.26 -23.38 -5.50
CA THR C 126 21.82 -22.77 -6.69
C THR C 126 21.20 -23.34 -7.98
N LEU C 127 19.93 -23.02 -8.20
CA LEU C 127 19.21 -23.48 -9.38
C LEU C 127 19.61 -22.67 -10.59
N PRO C 128 19.82 -23.31 -11.74
CA PRO C 128 20.04 -22.57 -12.96
C PRO C 128 18.83 -21.72 -13.23
N ILE C 129 19.04 -20.63 -13.94
CA ILE C 129 17.96 -19.69 -14.21
C ILE C 129 16.80 -20.39 -14.88
N ASN C 130 17.05 -21.16 -15.93
CA ASN C 130 15.94 -21.76 -16.71
C ASN C 130 15.09 -22.79 -15.94
N THR C 131 15.61 -23.34 -14.86
CA THR C 131 14.78 -24.05 -13.90
C THR C 131 13.71 -23.17 -13.21
N VAL C 132 14.07 -21.92 -12.92
CA VAL C 132 13.21 -20.97 -12.21
C VAL C 132 12.37 -20.15 -13.17
N ALA C 133 12.98 -19.74 -14.28
CA ALA C 133 12.30 -18.95 -15.32
C ALA C 133 12.52 -19.60 -16.69
N PRO C 134 11.64 -20.57 -17.08
CA PRO C 134 11.83 -21.38 -18.30
C PRO C 134 11.92 -20.59 -19.60
N GLY C 135 11.22 -19.46 -19.68
CA GLY C 135 11.14 -18.67 -20.91
C GLY C 135 12.28 -17.70 -21.24
N VAL C 136 13.21 -17.51 -20.30
CA VAL C 136 14.26 -16.49 -20.43
C VAL C 136 15.42 -17.02 -21.25
N VAL C 137 15.93 -16.17 -22.12
CA VAL C 137 17.10 -16.51 -22.91
C VAL C 137 18.29 -16.21 -22.02
N VAL C 138 19.23 -17.16 -21.93
CA VAL C 138 20.31 -17.10 -20.96
C VAL C 138 21.60 -17.49 -21.65
N ASP C 139 22.62 -16.64 -21.55
CA ASP C 139 23.96 -16.93 -22.12
C ASP C 139 25.02 -16.79 -21.06
N GLY C 140 26.08 -17.57 -21.19
CA GLY C 140 27.11 -17.73 -20.16
C GLY C 140 27.31 -19.19 -19.81
N PRO C 141 28.37 -19.53 -19.08
CA PRO C 141 29.32 -18.57 -18.48
C PRO C 141 30.33 -18.06 -19.50
N ALA C 142 31.23 -17.19 -19.05
CA ALA C 142 32.26 -16.61 -19.89
C ALA C 142 33.62 -17.16 -19.49
N GLU C 143 34.16 -18.10 -20.27
CA GLU C 143 35.48 -18.72 -20.02
C GLU C 143 36.57 -17.69 -19.72
N GLU C 144 36.52 -16.57 -20.43
CA GLU C 144 37.49 -15.48 -20.27
C GLU C 144 37.54 -14.89 -18.83
N LEU C 145 36.43 -14.94 -18.08
CA LEU C 145 36.35 -14.35 -16.73
C LEU C 145 36.22 -15.32 -15.54
N ALA C 146 36.46 -16.62 -15.77
CA ALA C 146 36.38 -17.65 -14.72
C ALA C 146 37.40 -17.47 -13.59
N GLU C 147 38.68 -17.36 -13.96
CA GLU C 147 39.74 -17.24 -12.97
C GLU C 147 39.52 -15.93 -12.17
N THR C 148 39.11 -14.85 -12.84
CA THR C 148 38.94 -13.56 -12.16
C THR C 148 37.86 -13.62 -11.12
N MET C 149 36.75 -14.23 -11.48
CA MET C 149 35.68 -14.37 -10.55
C MET C 149 36.01 -15.33 -9.44
N HIS C 150 36.71 -16.40 -9.78
CA HIS C 150 37.15 -17.36 -8.79
C HIS C 150 37.94 -16.58 -7.70
N ASN C 151 38.86 -15.73 -8.15
CA ASN C 151 39.71 -14.92 -7.25
C ASN C 151 38.91 -13.96 -6.42
N LEU C 152 37.94 -13.34 -7.06
CA LEU C 152 37.06 -12.38 -6.40
C LEU C 152 36.19 -13.03 -5.35
N TYR C 153 35.58 -14.16 -5.71
CA TYR C 153 34.79 -14.92 -4.75
C TYR C 153 35.65 -15.42 -3.60
N ARG C 154 36.92 -15.76 -3.89
CA ARG C 154 37.84 -16.29 -2.91
C ARG C 154 38.15 -15.25 -1.86
N ALA C 155 38.38 -14.02 -2.31
CA ALA C 155 38.56 -12.89 -1.39
C ALA C 155 37.46 -12.78 -0.32
N LYS C 156 36.22 -13.03 -0.69
CA LYS C 156 35.10 -12.82 0.24
C LYS C 156 34.71 -14.07 1.00
N PHE C 157 34.74 -15.22 0.34
CA PHE C 157 34.11 -16.41 0.86
C PHE C 157 35.06 -17.55 1.19
N GLY C 158 36.28 -17.50 0.66
CA GLY C 158 37.33 -18.49 0.97
C GLY C 158 37.82 -18.52 2.40
N ARG C 159 38.24 -19.71 2.82
CA ARG C 159 38.33 -20.12 4.21
C ARG C 159 39.15 -21.44 4.24
N ALA D 2 0.05 -33.16 9.58
CA ALA D 2 0.98 -32.09 10.04
C ALA D 2 0.33 -30.70 10.27
N ILE D 3 -0.88 -30.45 9.77
CA ILE D 3 -1.60 -29.16 9.91
C ILE D 3 -2.50 -29.17 11.15
N SER D 4 -2.15 -28.37 12.16
CA SER D 4 -2.95 -28.30 13.39
C SER D 4 -4.23 -27.48 13.20
N ASP D 5 -5.15 -27.61 14.14
CA ASP D 5 -6.33 -26.75 14.21
C ASP D 5 -5.96 -25.25 14.30
N ALA D 6 -4.93 -24.93 15.08
CA ALA D 6 -4.47 -23.53 15.19
C ALA D 6 -3.96 -22.99 13.87
N ASP D 7 -3.24 -23.84 13.12
CA ASP D 7 -2.76 -23.52 11.77
C ASP D 7 -3.87 -23.19 10.79
N LEU D 8 -4.93 -24.01 10.81
CA LEU D 8 -6.14 -23.79 10.01
C LEU D 8 -6.82 -22.43 10.25
N LYS D 9 -6.85 -21.99 11.51
CA LYS D 9 -7.40 -20.65 11.86
C LYS D 9 -6.62 -19.57 11.11
N TYR D 10 -5.28 -19.70 11.06
CA TYR D 10 -4.43 -18.71 10.37
C TYR D 10 -4.50 -18.85 8.84
N LEU D 11 -4.72 -20.06 8.35
CA LEU D 11 -4.92 -20.26 6.92
C LEU D 11 -6.24 -19.66 6.43
N ARG D 12 -7.34 -19.93 7.16
CA ARG D 12 -8.65 -19.25 6.91
C ARG D 12 -8.53 -17.73 6.83
N ARG D 13 -7.69 -17.17 7.68
CA ARG D 13 -7.41 -15.76 7.66
C ARG D 13 -6.62 -15.33 6.40
N CYS D 14 -5.63 -16.15 5.98
CA CYS D 14 -4.94 -15.93 4.71
C CYS D 14 -5.93 -15.93 3.53
N VAL D 15 -6.89 -16.86 3.57
CA VAL D 15 -7.93 -16.97 2.56
C VAL D 15 -8.80 -15.71 2.51
N ASP D 16 -9.15 -15.15 3.65
CA ASP D 16 -9.95 -13.91 3.67
C ASP D 16 -9.16 -12.74 3.12
N LEU D 17 -7.84 -12.73 3.32
CA LEU D 17 -6.98 -11.72 2.69
C LEU D 17 -6.91 -11.90 1.16
N ALA D 18 -6.90 -13.15 0.68
CA ALA D 18 -6.96 -13.42 -0.76
C ALA D 18 -8.30 -12.93 -1.36
N ARG D 19 -9.40 -13.21 -0.66
CA ARG D 19 -10.69 -12.62 -0.96
C ARG D 19 -10.65 -11.07 -1.02
N GLU D 20 -10.16 -10.42 0.03
CA GLU D 20 -10.00 -8.94 0.05
C GLU D 20 -9.24 -8.40 -1.16
N ALA D 21 -8.18 -9.10 -1.56
CA ALA D 21 -7.41 -8.70 -2.71
C ALA D 21 -8.18 -8.84 -4.01
N LEU D 22 -8.89 -9.95 -4.17
CA LEU D 22 -9.72 -10.20 -5.34
C LEU D 22 -10.75 -9.06 -5.49
N ASP D 23 -11.39 -8.69 -4.38
CA ASP D 23 -12.46 -7.67 -4.37
C ASP D 23 -11.95 -6.28 -4.72
N ASP D 24 -10.74 -5.93 -4.27
CA ASP D 24 -10.14 -4.66 -4.66
C ASP D 24 -9.33 -4.77 -5.95
N GLY D 25 -9.58 -5.79 -6.76
CA GLY D 25 -9.04 -5.88 -8.12
C GLY D 25 -7.68 -6.51 -8.29
N ASP D 26 -7.16 -7.12 -7.23
CA ASP D 26 -5.87 -7.82 -7.26
C ASP D 26 -6.01 -9.36 -7.35
N GLU D 27 -4.87 -10.03 -7.45
CA GLU D 27 -4.81 -11.49 -7.52
C GLU D 27 -5.08 -12.10 -6.13
N PRO D 28 -5.78 -13.25 -6.07
CA PRO D 28 -6.20 -13.77 -4.77
C PRO D 28 -5.06 -14.54 -4.05
N PHE D 29 -4.21 -13.78 -3.37
CA PHE D 29 -3.13 -14.30 -2.54
C PHE D 29 -3.03 -13.48 -1.24
N GLY D 30 -2.95 -14.17 -0.10
CA GLY D 30 -2.76 -13.52 1.18
C GLY D 30 -1.93 -14.33 2.14
N SER D 31 -1.18 -13.64 3.01
CA SER D 31 -0.24 -14.25 3.94
C SER D 31 -0.18 -13.54 5.25
N VAL D 32 0.29 -14.26 6.25
CA VAL D 32 0.23 -13.84 7.64
C VAL D 32 1.49 -14.29 8.37
N LEU D 33 2.25 -13.33 8.89
CA LEU D 33 3.44 -13.59 9.71
C LEU D 33 3.08 -13.68 11.18
N VAL D 34 3.31 -14.83 11.79
CA VAL D 34 2.96 -15.08 13.20
C VAL D 34 4.23 -15.33 14.00
N ASP D 35 4.37 -14.68 15.16
CA ASP D 35 5.55 -14.88 16.03
C ASP D 35 5.38 -16.18 16.86
N HIS D 36 6.49 -16.66 17.41
CA HIS D 36 6.50 -17.89 18.24
C HIS D 36 5.41 -17.93 19.33
N THR D 37 5.14 -16.78 19.93
CA THR D 37 4.05 -16.60 20.92
C THR D 37 2.62 -16.91 20.40
N GLY D 38 2.36 -16.70 19.11
CA GLY D 38 0.99 -16.75 18.52
C GLY D 38 0.44 -15.38 18.17
N THR D 39 1.23 -14.32 18.35
CA THR D 39 0.84 -12.95 17.99
C THR D 39 1.05 -12.68 16.49
N THR D 40 0.04 -12.13 15.83
CA THR D 40 0.18 -11.79 14.44
C THR D 40 1.00 -10.53 14.37
N LEU D 41 2.15 -10.59 13.72
CA LEU D 41 2.98 -9.42 13.59
C LEU D 41 2.65 -8.59 12.37
N PHE D 42 2.23 -9.23 11.30
CA PHE D 42 2.05 -8.55 10.02
C PHE D 42 1.16 -9.42 9.14
N GLU D 43 0.44 -8.76 8.25
CA GLU D 43 -0.50 -9.35 7.34
C GLU D 43 -0.43 -8.59 6.06
N ASP D 44 -0.61 -9.30 4.96
CA ASP D 44 -0.58 -8.63 3.68
C ASP D 44 -1.27 -9.51 2.62
N ARG D 45 -1.41 -8.91 1.44
CA ARG D 45 -2.04 -9.53 0.30
C ARG D 45 -1.49 -8.89 -0.96
N ASN D 46 -1.86 -9.45 -2.10
CA ASN D 46 -1.34 -9.05 -3.40
C ASN D 46 -1.67 -7.60 -3.76
N ARG D 47 -0.75 -6.96 -4.49
CA ARG D 47 -0.89 -5.55 -4.96
C ARG D 47 -0.26 -5.30 -6.36
N VAL D 48 -0.52 -6.17 -7.34
CA VAL D 48 0.07 -5.98 -8.69
C VAL D 48 -0.60 -4.92 -9.61
N ASP D 52 3.32 -3.11 -9.94
CA ASP D 52 4.59 -3.87 -9.82
C ASP D 52 4.33 -5.37 -9.65
N ALA D 53 4.89 -6.20 -10.55
CA ALA D 53 4.64 -7.68 -10.53
C ALA D 53 5.31 -8.53 -9.40
N THR D 54 6.27 -7.93 -8.68
CA THR D 54 6.88 -8.55 -7.49
C THR D 54 6.16 -8.25 -6.12
N ALA D 55 4.99 -7.59 -6.16
CA ALA D 55 4.26 -7.19 -4.94
C ALA D 55 3.48 -8.35 -4.34
N HIS D 56 4.24 -9.36 -3.88
CA HIS D 56 3.68 -10.60 -3.37
C HIS D 56 3.67 -10.46 -1.86
N PRO D 57 2.58 -10.81 -1.20
CA PRO D 57 2.56 -10.68 0.27
C PRO D 57 3.63 -11.46 1.04
N GLU D 58 4.08 -12.58 0.50
CA GLU D 58 5.13 -13.38 1.14
C GLU D 58 6.47 -12.64 1.11
N PHE D 59 6.71 -11.92 0.01
CA PHE D 59 7.91 -11.17 -0.14
C PHE D 59 7.83 -9.99 0.81
N ALA D 60 6.71 -9.28 0.80
CA ALA D 60 6.50 -8.15 1.74
C ALA D 60 6.82 -8.57 3.18
N ILE D 61 6.34 -9.74 3.58
CA ILE D 61 6.64 -10.33 4.88
C ILE D 61 8.14 -10.56 5.09
N ALA D 62 8.85 -11.01 4.05
CA ALA D 62 10.31 -11.21 4.11
C ALA D 62 11.08 -9.89 4.39
N ARG D 63 10.78 -8.85 3.60
CA ARG D 63 11.34 -7.51 3.78
C ARG D 63 10.97 -6.91 5.14
N TRP D 64 9.72 -7.13 5.55
CA TRP D 64 9.24 -6.68 6.87
C TRP D 64 9.98 -7.38 8.01
N ALA D 65 10.08 -8.69 7.93
CA ALA D 65 10.75 -9.44 8.98
C ALA D 65 12.22 -9.02 9.11
N ALA D 66 12.87 -8.77 7.97
CA ALA D 66 14.24 -8.29 7.98
C ALA D 66 14.35 -6.90 8.60
N ARG D 67 13.41 -5.99 8.29
CA ARG D 67 13.44 -4.60 8.79
C ARG D 67 13.10 -4.50 10.29
N HIS D 68 12.17 -5.32 10.78
CA HIS D 68 11.59 -5.13 12.12
C HIS D 68 11.84 -6.26 13.13
N LEU D 69 12.56 -7.32 12.78
CA LEU D 69 12.81 -8.42 13.72
C LEU D 69 14.27 -8.76 13.82
N THR D 70 14.62 -9.47 14.89
CA THR D 70 15.99 -9.93 15.10
C THR D 70 16.12 -11.29 14.44
N PRO D 71 17.32 -11.60 13.88
CA PRO D 71 17.60 -12.92 13.29
C PRO D 71 17.00 -14.07 14.09
N ASP D 72 17.06 -13.95 15.41
CA ASP D 72 16.52 -14.94 16.31
C ASP D 72 14.99 -15.02 16.29
N ARG D 73 14.33 -13.87 16.34
CA ARG D 73 12.86 -13.87 16.32
C ARG D 73 12.32 -14.37 14.96
N ARG D 74 12.95 -13.93 13.87
CA ARG D 74 12.64 -14.42 12.51
C ARG D 74 12.63 -15.92 12.43
N ALA D 75 13.69 -16.53 12.93
CA ALA D 75 13.87 -17.97 12.85
C ALA D 75 12.74 -18.75 13.55
N ARG D 76 12.17 -18.16 14.60
CA ARG D 76 11.07 -18.76 15.38
C ARG D 76 9.66 -18.40 14.90
N ALA D 77 9.58 -17.52 13.90
CA ALA D 77 8.32 -17.09 13.31
C ALA D 77 7.80 -18.05 12.25
N THR D 78 6.48 -18.03 12.08
CA THR D 78 5.78 -18.81 11.07
C THR D 78 5.08 -17.89 10.08
N VAL D 79 5.10 -18.29 8.81
CA VAL D 79 4.42 -17.60 7.78
C VAL D 79 3.36 -18.56 7.30
N TYR D 80 2.12 -18.12 7.34
CA TYR D 80 1.02 -18.81 6.67
C TYR D 80 0.69 -18.11 5.36
N THR D 81 0.18 -18.87 4.40
CA THR D 81 -0.10 -18.33 3.06
C THR D 81 -1.21 -19.11 2.38
N SER D 82 -2.07 -18.43 1.64
CA SER D 82 -3.18 -19.08 0.98
C SER D 82 -2.65 -20.00 -0.11
N GLY D 83 -1.56 -19.58 -0.75
CA GLY D 83 -0.96 -20.31 -1.88
C GLY D 83 0.54 -20.41 -1.70
N GLU D 84 1.08 -21.63 -1.87
CA GLU D 84 2.52 -21.89 -1.71
C GLU D 84 3.40 -20.84 -2.39
N HIS D 85 4.45 -20.42 -1.70
CA HIS D 85 5.36 -19.35 -2.13
C HIS D 85 5.88 -19.69 -3.51
N CYS D 86 5.90 -18.71 -4.41
CA CYS D 86 6.65 -18.85 -5.67
C CYS D 86 8.14 -18.86 -5.34
N PRO D 87 8.99 -19.19 -6.31
CA PRO D 87 10.46 -19.19 -6.10
C PRO D 87 11.10 -17.92 -5.58
N MET D 88 10.61 -16.77 -6.04
CA MET D 88 11.02 -15.47 -5.48
C MET D 88 10.80 -15.38 -3.96
N CYS D 89 9.59 -15.67 -3.53
CA CYS D 89 9.23 -15.52 -2.15
C CYS D 89 9.89 -16.59 -1.30
N ALA D 90 9.97 -17.79 -1.83
CA ALA D 90 10.57 -18.91 -1.12
C ALA D 90 12.04 -18.63 -0.86
N ALA D 91 12.70 -18.02 -1.84
CA ALA D 91 14.11 -17.70 -1.72
C ALA D 91 14.30 -16.55 -0.77
N ALA D 92 13.48 -15.52 -0.89
CA ALA D 92 13.54 -14.37 -0.01
C ALA D 92 13.38 -14.80 1.43
N HIS D 93 12.36 -15.61 1.70
CA HIS D 93 12.11 -16.15 3.05
C HIS D 93 13.37 -16.82 3.64
N ALA D 94 14.01 -17.67 2.83
CA ALA D 94 15.20 -18.38 3.26
C ALA D 94 16.40 -17.45 3.46
N TRP D 95 16.54 -16.43 2.62
CA TRP D 95 17.64 -15.47 2.76
C TRP D 95 17.54 -14.62 4.04
N VAL D 96 16.35 -14.16 4.42
CA VAL D 96 16.17 -13.44 5.67
C VAL D 96 16.14 -14.39 6.87
N GLY D 97 16.15 -15.69 6.68
CA GLY D 97 16.16 -16.63 7.80
C GLY D 97 14.85 -16.76 8.56
N LEU D 98 13.73 -16.72 7.84
CA LEU D 98 12.42 -17.02 8.44
C LEU D 98 12.26 -18.50 8.70
N GLY D 99 11.28 -18.83 9.52
CA GLY D 99 11.05 -20.18 10.00
C GLY D 99 10.10 -20.98 9.15
N ARG D 100 9.18 -21.67 9.82
CA ARG D 100 8.21 -22.55 9.17
C ARG D 100 7.29 -21.80 8.20
N ILE D 101 6.80 -22.53 7.21
CA ILE D 101 5.84 -22.07 6.23
C ILE D 101 4.70 -23.04 6.16
N VAL D 102 3.48 -22.52 6.24
CA VAL D 102 2.30 -23.33 6.05
C VAL D 102 1.47 -22.74 4.92
N TYR D 103 1.04 -23.61 4.00
CA TYR D 103 0.23 -23.14 2.87
C TYR D 103 -1.07 -23.89 2.70
N ALA D 104 -2.11 -23.21 2.24
CA ALA D 104 -3.42 -23.85 2.04
C ALA D 104 -3.49 -24.59 0.72
N THR D 105 -2.90 -24.05 -0.35
CA THR D 105 -2.78 -24.78 -1.60
C THR D 105 -1.36 -24.69 -2.11
N SER D 106 -0.97 -25.71 -2.85
CA SER D 106 0.39 -25.79 -3.39
C SER D 106 0.42 -25.14 -4.75
N SER D 107 1.62 -24.85 -5.22
CA SER D 107 1.80 -24.40 -6.57
C SER D 107 1.51 -25.54 -7.56
N ALA D 108 1.56 -26.79 -7.11
CA ALA D 108 1.16 -27.92 -7.94
C ALA D 108 -0.33 -27.88 -8.22
N GLN D 109 -1.16 -27.70 -7.18
CA GLN D 109 -2.58 -27.59 -7.40
C GLN D 109 -2.91 -26.41 -8.32
N LEU D 110 -2.31 -25.26 -8.07
CA LEU D 110 -2.57 -24.10 -8.86
C LEU D 110 -2.19 -24.33 -10.34
N GLY D 111 -0.98 -24.83 -10.58
CA GLY D 111 -0.52 -25.11 -11.92
C GLY D 111 -1.39 -26.10 -12.65
N GLY D 112 -1.84 -27.14 -11.94
CA GLY D 112 -2.85 -28.09 -12.46
C GLY D 112 -4.12 -27.38 -12.86
N TRP D 113 -4.65 -26.54 -11.97
CA TRP D 113 -5.87 -25.79 -12.21
C TRP D 113 -5.79 -24.79 -13.37
N LEU D 114 -4.66 -24.10 -13.51
CA LEU D 114 -4.49 -23.17 -14.61
C LEU D 114 -4.52 -23.91 -15.93
N THR D 115 -3.93 -25.10 -15.92
CA THR D 115 -3.89 -25.92 -17.12
C THR D 115 -5.26 -26.43 -17.50
N GLU D 116 -6.01 -26.87 -16.49
CA GLU D 116 -7.42 -27.18 -16.63
C GLU D 116 -8.24 -26.05 -17.25
N TRP D 117 -8.04 -24.82 -16.79
CA TRP D 117 -8.78 -23.67 -17.34
C TRP D 117 -8.25 -23.13 -18.65
N GLY D 118 -7.26 -23.80 -19.26
CA GLY D 118 -6.60 -23.26 -20.44
C GLY D 118 -5.90 -21.92 -20.25
N ALA D 119 -5.53 -21.60 -19.02
CA ALA D 119 -4.90 -20.29 -18.73
C ALA D 119 -3.39 -20.33 -18.99
N GLN D 120 -2.86 -19.20 -19.42
CA GLN D 120 -1.42 -18.96 -19.58
C GLN D 120 -0.64 -19.35 -18.30
N ALA D 121 0.35 -20.20 -18.49
CA ALA D 121 1.30 -20.53 -17.42
C ALA D 121 2.07 -19.27 -17.01
N PRO D 122 2.40 -19.12 -15.72
CA PRO D 122 3.25 -17.98 -15.34
C PRO D 122 4.68 -18.08 -15.90
N PRO D 123 5.37 -16.93 -16.02
CA PRO D 123 6.76 -16.91 -16.53
C PRO D 123 7.78 -17.49 -15.53
N VAL D 124 7.33 -17.77 -14.31
CA VAL D 124 8.11 -18.46 -13.29
C VAL D 124 7.54 -19.84 -13.03
N ALA D 125 8.42 -20.84 -13.06
CA ALA D 125 8.07 -22.21 -12.76
C ALA D 125 7.51 -22.39 -11.33
N THR D 126 6.50 -23.25 -11.20
CA THR D 126 5.89 -23.57 -9.92
C THR D 126 6.67 -24.60 -9.10
N LEU D 127 7.86 -24.22 -8.66
CA LEU D 127 8.71 -25.10 -7.89
C LEU D 127 8.18 -25.21 -6.48
N PRO D 128 8.14 -26.42 -5.92
CA PRO D 128 7.90 -26.55 -4.49
C PRO D 128 8.94 -25.78 -3.72
N ILE D 129 8.57 -25.36 -2.52
CA ILE D 129 9.43 -24.54 -1.70
C ILE D 129 10.75 -25.24 -1.41
N ASN D 130 10.71 -26.50 -0.99
CA ASN D 130 11.95 -27.21 -0.64
C ASN D 130 12.96 -27.42 -1.79
N THR D 131 12.51 -27.33 -3.03
CA THR D 131 13.43 -27.23 -4.18
C THR D 131 14.24 -25.95 -4.18
N VAL D 132 13.61 -24.85 -3.74
CA VAL D 132 14.26 -23.54 -3.71
C VAL D 132 14.97 -23.33 -2.40
N ALA D 133 14.34 -23.72 -1.30
CA ALA D 133 14.88 -23.48 0.07
C ALA D 133 14.83 -24.83 0.81
N PRO D 134 15.87 -25.65 0.62
CA PRO D 134 15.92 -27.00 1.18
C PRO D 134 15.73 -27.12 2.71
N GLY D 135 16.18 -26.13 3.46
CA GLY D 135 16.17 -26.18 4.93
C GLY D 135 14.87 -25.85 5.65
N VAL D 136 13.89 -25.32 4.93
CA VAL D 136 12.68 -24.77 5.53
C VAL D 136 11.71 -25.92 5.82
N VAL D 137 11.06 -25.83 6.95
CA VAL D 137 10.02 -26.75 7.32
C VAL D 137 8.75 -26.23 6.66
N VAL D 138 8.02 -27.12 5.99
CA VAL D 138 6.91 -26.74 5.15
C VAL D 138 5.76 -27.68 5.43
N ASP D 139 4.59 -27.14 5.75
CA ASP D 139 3.39 -27.94 5.94
C ASP D 139 2.26 -27.45 5.05
N GLY D 140 1.38 -28.36 4.66
CA GLY D 140 0.35 -28.12 3.64
C GLY D 140 0.48 -29.12 2.51
N PRO D 141 -0.53 -29.19 1.63
CA PRO D 141 -1.71 -28.33 1.60
C PRO D 141 -2.76 -28.69 2.63
N ALA D 142 -3.84 -27.92 2.65
CA ALA D 142 -4.96 -28.12 3.57
C ALA D 142 -6.18 -28.60 2.81
N GLU D 143 -6.48 -29.90 2.89
CA GLU D 143 -7.66 -30.51 2.23
C GLU D 143 -8.93 -29.75 2.47
N GLU D 144 -9.08 -29.22 3.68
CA GLU D 144 -10.27 -28.43 4.09
C GLU D 144 -10.52 -27.16 3.25
N LEU D 145 -9.47 -26.57 2.66
CA LEU D 145 -9.58 -25.31 1.89
C LEU D 145 -9.37 -25.41 0.38
N ALA D 146 -9.35 -26.64 -0.16
CA ALA D 146 -9.06 -26.87 -1.58
C ALA D 146 -10.13 -26.29 -2.51
N GLU D 147 -11.39 -26.63 -2.25
CA GLU D 147 -12.50 -26.21 -3.09
C GLU D 147 -12.64 -24.69 -3.04
N THR D 148 -12.43 -24.10 -1.87
CA THR D 148 -12.53 -22.65 -1.72
C THR D 148 -11.48 -21.93 -2.54
N MET D 149 -10.25 -22.39 -2.47
CA MET D 149 -9.16 -21.78 -3.22
C MET D 149 -9.32 -22.03 -4.70
N HIS D 150 -9.79 -23.22 -5.06
CA HIS D 150 -10.09 -23.56 -6.45
C HIS D 150 -11.06 -22.51 -7.01
N ASN D 151 -12.14 -22.27 -6.28
CA ASN D 151 -13.14 -21.28 -6.69
C ASN D 151 -12.59 -19.88 -6.78
N LEU D 152 -11.77 -19.52 -5.80
CA LEU D 152 -11.18 -18.21 -5.78
C LEU D 152 -10.19 -18.01 -6.92
N TYR D 153 -9.34 -19.00 -7.16
CA TYR D 153 -8.39 -18.91 -8.26
C TYR D 153 -9.14 -18.88 -9.59
N ARG D 154 -10.28 -19.60 -9.67
CA ARG D 154 -11.08 -19.67 -10.88
C ARG D 154 -11.64 -18.30 -11.22
N ALA D 155 -12.12 -17.58 -10.20
CA ALA D 155 -12.58 -16.19 -10.36
C ALA D 155 -11.58 -15.29 -11.08
N LYS D 156 -10.31 -15.40 -10.74
CA LYS D 156 -9.30 -14.48 -11.27
C LYS D 156 -8.63 -14.98 -12.55
N PHE D 157 -8.39 -16.28 -12.63
CA PHE D 157 -7.56 -16.85 -13.69
C PHE D 157 -8.29 -17.74 -14.70
N GLY D 158 -9.45 -18.28 -14.34
CA GLY D 158 -10.27 -19.11 -15.22
C GLY D 158 -11.26 -18.26 -16.04
N ARG D 159 -11.90 -17.31 -15.35
CA ARG D 159 -13.00 -16.52 -15.91
C ARG D 159 -12.49 -15.63 -17.07
#